data_3R19
#
_entry.id   3R19
#
_cell.length_a   85.599
_cell.length_b   85.599
_cell.length_c   152.798
_cell.angle_alpha   90.00
_cell.angle_beta   90.00
_cell.angle_gamma   90.00
#
_symmetry.space_group_name_H-M   'I 41'
#
loop_
_entity.id
_entity.type
_entity.pdbx_description
1 polymer 'Sulfite oxidase'
2 non-polymer 'PHOSPHONIC ACIDMONO-(2-AMINO-5,6-DIMERCAPTO-4-OXO-3,7,8A,9,10,10A-HEXAHYDRO-4H-8-OXA-1,3,9,10-TETRAAZA-ANTHRACEN-7-YLMETHYL)ESTER'
3 non-polymer 'MOLYBDENUM ATOM'
4 water water
#
_entity_poly.entity_id   1
_entity_poly.type   'polypeptide(L)'
_entity_poly.pdbx_seq_one_letter_code
;APSYPEYTREEVGRHRSPEERVWVTHGTDVFDVTDFVELHPGGPDKILLAAGGALEPFWALYAVHGEPHVLELLQQYKVG
ELSPDEAPAAPDAQDPFAGDPPRHPGLRVNSQKPFNAEPPAELLAERFLTPNELFFTRNHLPVPAVEPSSYRLRVDGPGG
GTLSLSLAELRSRFPKHEVTATLQCAGNRRSEMSRVRPVKGLPWDIGAISTARWGGARLRDVLLHAGFPEELQGEWHVCF
EGLDADPGGAPYGASIPYGRALSPAADVLLAYEMNGTELPRDHGFPVRVVVPGVVGARSVKWLRRVAVSPDESPSHWQQN
DNKGFSPCVDWDTVDYRTAPAIQELPVQSAVTQPRPGAAVPPGELTVKGYAWSGGGREVVRVDVSLDGGRTWKVARLMGD
KAPPGRAWAWALWELTVPVEAGTELEIVCKAVDSSYNVQPDSVAPIWNLMGMLSTAWHRVRVSVQD
;
_entity_poly.pdbx_strand_id   A
#
# COMPACT_ATOMS: atom_id res chain seq x y z
N ASP A 95 -8.38 -13.58 25.41
CA ASP A 95 -7.53 -12.85 24.43
C ASP A 95 -8.26 -12.66 23.10
N PRO A 96 -8.57 -11.40 22.73
CA PRO A 96 -9.27 -11.06 21.49
C PRO A 96 -8.53 -11.53 20.23
N PHE A 97 -7.24 -11.86 20.36
CA PHE A 97 -6.43 -12.25 19.19
C PHE A 97 -6.19 -13.74 19.04
N ALA A 98 -6.77 -14.55 19.94
CA ALA A 98 -6.54 -15.99 19.95
C ALA A 98 -6.92 -16.65 18.63
N GLY A 99 -7.88 -16.06 17.91
CA GLY A 99 -8.35 -16.63 16.66
C GLY A 99 -7.60 -16.17 15.43
N ASP A 100 -6.57 -15.34 15.62
CA ASP A 100 -5.76 -14.85 14.50
C ASP A 100 -5.07 -16.02 13.80
N PRO A 101 -4.88 -15.92 12.47
CA PRO A 101 -4.28 -16.99 11.69
C PRO A 101 -2.76 -17.09 11.94
N PRO A 102 -2.16 -18.25 11.66
CA PRO A 102 -0.71 -18.31 11.79
C PRO A 102 -0.03 -17.62 10.61
N ARG A 103 1.20 -17.19 10.79
CA ARG A 103 1.93 -16.49 9.73
C ARG A 103 3.24 -17.19 9.40
N HIS A 104 3.79 -16.84 8.23
CA HIS A 104 5.13 -17.27 7.83
C HIS A 104 6.17 -16.81 8.87
N PRO A 105 7.11 -17.71 9.27
CA PRO A 105 8.05 -17.38 10.36
C PRO A 105 9.18 -16.40 10.01
N GLY A 106 9.45 -16.15 8.74
CA GLY A 106 10.53 -15.23 8.38
C GLY A 106 10.16 -13.74 8.34
N LEU A 107 8.91 -13.41 8.66
CA LEU A 107 8.46 -12.03 8.60
C LEU A 107 9.13 -11.12 9.67
N ARG A 108 9.35 -9.86 9.30
CA ARG A 108 9.81 -8.84 10.25
C ARG A 108 8.57 -8.23 10.90
N VAL A 109 8.27 -8.71 12.11
CA VAL A 109 7.06 -8.32 12.84
C VAL A 109 7.37 -7.08 13.69
N ASN A 110 6.56 -6.04 13.56
CA ASN A 110 6.71 -4.88 14.45
C ASN A 110 5.62 -4.80 15.53
N SER A 111 4.55 -5.58 15.35
CA SER A 111 3.48 -5.67 16.33
C SER A 111 2.83 -7.03 16.19
N GLN A 112 2.65 -7.74 17.31
CA GLN A 112 2.02 -9.06 17.29
C GLN A 112 0.52 -8.94 17.41
N LYS A 113 0.08 -8.08 18.32
CA LYS A 113 -1.33 -7.89 18.62
C LYS A 113 -1.64 -6.39 18.71
N PRO A 114 -2.25 -5.79 17.67
CA PRO A 114 -2.65 -6.39 16.38
C PRO A 114 -1.45 -6.73 15.50
N PHE A 115 -1.62 -7.66 14.56
CA PHE A 115 -0.48 -8.17 13.79
C PHE A 115 -0.09 -7.23 12.65
N ASN A 116 1.18 -6.82 12.67
CA ASN A 116 1.72 -5.94 11.64
C ASN A 116 3.15 -6.39 11.31
N ALA A 117 3.38 -6.73 10.04
CA ALA A 117 4.68 -7.29 9.64
C ALA A 117 4.99 -7.06 8.18
N GLU A 118 6.28 -7.03 7.86
CA GLU A 118 6.73 -6.89 6.49
C GLU A 118 7.65 -8.06 6.13
N PRO A 119 7.73 -8.41 4.84
CA PRO A 119 8.68 -9.43 4.40
C PRO A 119 10.11 -8.96 4.59
N PRO A 120 11.07 -9.90 4.73
CA PRO A 120 12.48 -9.47 4.74
C PRO A 120 12.78 -8.72 3.46
N ALA A 121 13.62 -7.70 3.55
CA ALA A 121 13.97 -6.89 2.38
C ALA A 121 14.64 -7.72 1.27
N GLU A 122 15.36 -8.77 1.66
CA GLU A 122 16.04 -9.67 0.70
C GLU A 122 15.09 -10.56 -0.10
N LEU A 123 13.83 -10.66 0.33
CA LEU A 123 12.82 -11.39 -0.42
C LEU A 123 11.80 -10.44 -1.06
N LEU A 124 11.71 -9.23 -0.52
CA LEU A 124 10.70 -8.24 -0.93
C LEU A 124 10.61 -8.04 -2.45
N ALA A 125 11.75 -7.84 -3.10
CA ALA A 125 11.77 -7.62 -4.56
C ALA A 125 12.26 -8.82 -5.36
N GLU A 126 12.31 -10.00 -4.75
CA GLU A 126 12.76 -11.20 -5.44
C GLU A 126 11.81 -11.61 -6.58
N ARG A 127 10.51 -11.41 -6.36
CA ARG A 127 9.49 -11.70 -7.37
C ARG A 127 8.61 -10.48 -7.61
N PHE A 128 8.13 -10.36 -8.84
CA PHE A 128 7.28 -9.26 -9.23
C PHE A 128 5.97 -9.30 -8.45
N LEU A 129 5.38 -10.50 -8.36
CA LEU A 129 4.22 -10.73 -7.52
C LEU A 129 4.69 -11.27 -6.17
N THR A 130 4.35 -10.56 -5.09
CA THR A 130 4.73 -11.00 -3.75
C THR A 130 3.87 -12.21 -3.34
N PRO A 131 4.51 -13.35 -3.00
CA PRO A 131 3.73 -14.52 -2.60
C PRO A 131 2.83 -14.18 -1.41
N ASN A 132 1.67 -14.83 -1.33
CA ASN A 132 0.67 -14.47 -0.32
C ASN A 132 1.20 -14.56 1.11
N GLU A 133 2.10 -15.53 1.34
CA GLU A 133 2.66 -15.75 2.68
CA GLU A 133 2.72 -15.78 2.66
C GLU A 133 3.65 -14.65 3.10
N LEU A 134 4.15 -13.89 2.12
CA LEU A 134 5.15 -12.83 2.37
C LEU A 134 4.60 -11.41 2.25
N PHE A 135 3.44 -11.27 1.59
CA PHE A 135 2.79 -9.98 1.40
C PHE A 135 2.67 -9.30 2.77
N PHE A 136 3.15 -8.06 2.87
CA PHE A 136 3.12 -7.35 4.15
C PHE A 136 1.70 -7.33 4.71
N THR A 137 1.59 -7.36 6.02
CA THR A 137 0.30 -7.39 6.68
C THR A 137 0.16 -6.22 7.64
N ARG A 138 -0.93 -5.49 7.49
CA ARG A 138 -1.22 -4.38 8.37
C ARG A 138 -2.66 -4.55 8.90
N ASN A 139 -2.78 -4.98 10.16
CA ASN A 139 -4.06 -5.10 10.86
C ASN A 139 -4.15 -4.08 12.00
N HIS A 140 -5.26 -3.36 12.09
CA HIS A 140 -5.51 -2.51 13.26
C HIS A 140 -6.09 -3.29 14.45
N LEU A 141 -6.67 -4.45 14.15
CA LEU A 141 -7.58 -5.12 15.06
C LEU A 141 -7.47 -6.64 14.92
N PRO A 142 -8.19 -7.43 15.76
CA PRO A 142 -8.18 -8.88 15.54
C PRO A 142 -8.73 -9.25 14.15
N VAL A 143 -8.24 -10.34 13.57
CA VAL A 143 -8.71 -10.81 12.27
C VAL A 143 -10.07 -11.51 12.40
N PRO A 144 -11.08 -11.03 11.67
CA PRO A 144 -12.39 -11.68 11.69
C PRO A 144 -12.33 -13.16 11.29
N ALA A 145 -13.14 -13.97 11.97
CA ALA A 145 -13.37 -15.35 11.62
C ALA A 145 -14.69 -15.36 10.87
N VAL A 146 -14.63 -15.69 9.58
CA VAL A 146 -15.80 -15.53 8.72
C VAL A 146 -16.24 -16.89 8.18
N GLU A 147 -17.50 -17.24 8.45
CA GLU A 147 -18.10 -18.42 7.88
C GLU A 147 -18.55 -18.05 6.46
N PRO A 148 -17.93 -18.66 5.44
CA PRO A 148 -18.15 -18.33 4.01
C PRO A 148 -19.63 -18.30 3.57
N SER A 149 -20.40 -19.31 3.95
CA SER A 149 -21.77 -19.46 3.45
C SER A 149 -22.76 -18.45 4.04
N SER A 150 -22.57 -18.07 5.30
CA SER A 150 -23.47 -17.09 5.93
C SER A 150 -23.03 -15.62 5.73
N TYR A 151 -21.82 -15.42 5.21
CA TYR A 151 -21.33 -14.06 4.91
C TYR A 151 -22.26 -13.31 3.94
N ARG A 152 -22.57 -12.06 4.27
CA ARG A 152 -23.32 -11.19 3.36
C ARG A 152 -22.66 -9.82 3.27
N LEU A 153 -22.43 -9.35 2.04
CA LEU A 153 -21.97 -7.99 1.83
C LEU A 153 -23.18 -7.06 1.73
N ARG A 154 -23.20 -6.03 2.55
CA ARG A 154 -24.29 -5.05 2.51
C ARG A 154 -23.95 -3.85 1.61
N VAL A 155 -24.83 -3.57 0.64
CA VAL A 155 -24.67 -2.44 -0.25
C VAL A 155 -25.94 -1.58 -0.21
N ASP A 156 -25.82 -0.33 0.24
CA ASP A 156 -26.97 0.57 0.28
C ASP A 156 -27.33 1.05 -1.12
N GLY A 157 -28.61 1.04 -1.44
CA GLY A 157 -29.09 1.54 -2.73
C GLY A 157 -29.26 3.06 -2.72
N PRO A 158 -29.51 3.65 -3.91
CA PRO A 158 -29.70 5.10 -4.04
C PRO A 158 -30.80 5.67 -3.15
N GLY A 159 -31.85 4.88 -2.92
CA GLY A 159 -33.01 5.35 -2.16
C GLY A 159 -32.94 5.04 -0.67
N GLY A 160 -31.84 4.44 -0.23
CA GLY A 160 -31.69 4.09 1.18
C GLY A 160 -32.08 2.66 1.51
N GLY A 161 -32.61 1.92 0.53
CA GLY A 161 -32.77 0.47 0.66
C GLY A 161 -31.43 -0.25 0.79
N THR A 162 -31.46 -1.57 0.94
CA THR A 162 -30.21 -2.33 1.12
C THR A 162 -30.16 -3.55 0.19
N LEU A 163 -29.06 -3.68 -0.54
CA LEU A 163 -28.77 -4.88 -1.31
C LEU A 163 -27.88 -5.80 -0.50
N SER A 164 -28.26 -7.06 -0.42
CA SER A 164 -27.52 -8.05 0.35
C SER A 164 -26.91 -9.10 -0.59
N LEU A 165 -25.59 -9.20 -0.60
CA LEU A 165 -24.92 -10.11 -1.53
C LEU A 165 -24.11 -11.19 -0.83
N SER A 166 -24.40 -12.44 -1.19
CA SER A 166 -23.61 -13.56 -0.70
C SER A 166 -22.29 -13.61 -1.48
N LEU A 167 -21.35 -14.39 -0.98
CA LEU A 167 -20.09 -14.64 -1.66
C LEU A 167 -20.30 -15.34 -3.02
N ALA A 168 -21.22 -16.31 -3.08
CA ALA A 168 -21.51 -17.00 -4.33
C ALA A 168 -22.07 -16.03 -5.36
N GLU A 169 -22.93 -15.13 -4.91
CA GLU A 169 -23.53 -14.14 -5.81
C GLU A 169 -22.46 -13.17 -6.33
N LEU A 170 -21.57 -12.74 -5.45
CA LEU A 170 -20.47 -11.85 -5.83
C LEU A 170 -19.58 -12.50 -6.89
N ARG A 171 -19.34 -13.80 -6.72
CA ARG A 171 -18.58 -14.60 -7.70
C ARG A 171 -19.31 -14.80 -9.02
N SER A 172 -20.62 -15.04 -8.98
CA SER A 172 -21.36 -15.47 -10.17
C SER A 172 -22.06 -14.34 -10.94
N ARG A 173 -22.58 -13.34 -10.24
CA ARG A 173 -23.34 -12.26 -10.86
C ARG A 173 -22.49 -11.25 -11.67
N PHE A 174 -21.24 -11.07 -11.27
CA PHE A 174 -20.39 -10.05 -11.85
C PHE A 174 -19.20 -10.67 -12.57
N PRO A 175 -18.89 -10.21 -13.79
CA PRO A 175 -17.71 -10.72 -14.49
C PRO A 175 -16.42 -10.43 -13.70
N LYS A 176 -15.67 -11.49 -13.42
CA LYS A 176 -14.40 -11.36 -12.69
C LYS A 176 -13.44 -10.51 -13.50
N HIS A 177 -12.78 -9.58 -12.82
CA HIS A 177 -11.76 -8.75 -13.42
C HIS A 177 -10.50 -8.98 -12.60
N GLU A 178 -9.37 -9.04 -13.29
CA GLU A 178 -8.10 -9.25 -12.63
C GLU A 178 -7.22 -8.01 -12.77
N VAL A 179 -6.66 -7.57 -11.66
CA VAL A 179 -5.86 -6.36 -11.63
C VAL A 179 -4.61 -6.64 -10.81
N THR A 180 -3.45 -6.38 -11.41
CA THR A 180 -2.19 -6.45 -10.69
C THR A 180 -1.89 -5.08 -10.09
N ALA A 181 -1.85 -5.02 -8.76
CA ALA A 181 -1.73 -3.76 -8.05
C ALA A 181 -0.85 -3.86 -6.82
N THR A 182 -0.03 -2.84 -6.64
CA THR A 182 0.81 -2.71 -5.47
C THR A 182 0.06 -1.94 -4.36
N LEU A 183 0.05 -2.52 -3.17
CA LEU A 183 -0.44 -1.84 -1.99
C LEU A 183 0.76 -1.34 -1.21
N GLN A 184 0.74 -0.04 -0.87
CA GLN A 184 1.76 0.55 -0.03
C GLN A 184 1.11 1.26 1.13
N CYS A 185 1.57 0.95 2.33
CA CYS A 185 1.07 1.61 3.52
C CYS A 185 1.59 3.04 3.60
N ALA A 186 0.78 3.95 4.14
CA ALA A 186 1.18 5.35 4.36
C ALA A 186 2.43 5.45 5.23
N GLY A 187 2.59 4.50 6.13
CA GLY A 187 3.73 4.49 7.05
C GLY A 187 4.97 3.76 6.56
N ASN A 188 5.00 3.35 5.29
CA ASN A 188 6.21 2.71 4.73
C ASN A 188 7.42 3.61 4.92
N ARG A 189 8.53 3.02 5.38
CA ARG A 189 9.78 3.74 5.69
C ARG A 189 9.66 4.77 6.85
N ARG A 190 8.67 4.59 7.70
CA ARG A 190 8.52 5.46 8.89
C ARG A 190 9.78 5.48 9.78
N SER A 191 10.44 4.33 9.94
CA SER A 191 11.60 4.27 10.85
C SER A 191 12.69 5.27 10.49
N GLU A 192 12.83 5.56 9.19
CA GLU A 192 13.82 6.54 8.73
C GLU A 192 13.51 7.94 9.23
N MET A 193 12.22 8.23 9.42
CA MET A 193 11.84 9.53 9.92
C MET A 193 12.16 9.71 11.41
N SER A 194 12.04 8.60 12.16
CA SER A 194 12.36 8.58 13.58
C SER A 194 13.81 8.94 13.88
N ARG A 195 14.70 8.72 12.92
CA ARG A 195 16.10 9.10 13.05
C ARG A 195 16.30 10.62 13.12
N VAL A 196 15.34 11.38 12.61
CA VAL A 196 15.39 12.83 12.72
C VAL A 196 14.87 13.23 14.10
N ARG A 197 13.72 12.68 14.46
CA ARG A 197 13.02 13.02 15.69
C ARG A 197 12.00 11.90 15.87
N PRO A 198 11.84 11.40 17.12
CA PRO A 198 10.88 10.29 17.32
C PRO A 198 9.49 10.63 16.78
N VAL A 199 8.83 9.67 16.14
CA VAL A 199 7.48 9.85 15.64
C VAL A 199 6.54 8.79 16.20
N LYS A 200 5.24 9.05 16.13
CA LYS A 200 4.23 8.06 16.48
C LYS A 200 3.93 7.13 15.31
N GLY A 201 3.85 5.84 15.61
CA GLY A 201 3.38 4.87 14.62
C GLY A 201 4.28 3.66 14.55
N LEU A 202 3.81 2.64 13.84
CA LEU A 202 4.55 1.41 13.63
C LEU A 202 5.84 1.68 12.86
N PRO A 203 6.99 1.22 13.38
CA PRO A 203 8.28 1.55 12.78
C PRO A 203 8.64 0.69 11.54
N TRP A 204 7.91 0.87 10.46
CA TRP A 204 8.17 0.13 9.24
C TRP A 204 9.56 0.43 8.67
N ASP A 205 10.19 -0.57 8.12
CA ASP A 205 11.37 -0.39 7.29
C ASP A 205 10.77 -0.38 5.86
N ILE A 206 11.59 -0.61 4.84
CA ILE A 206 11.17 -0.45 3.45
C ILE A 206 10.13 -1.40 2.85
N GLY A 207 9.58 -2.29 3.68
CA GLY A 207 8.74 -3.38 3.18
C GLY A 207 7.26 -3.30 3.48
N ALA A 208 6.76 -2.12 3.88
CA ALA A 208 5.31 -1.95 3.99
C ALA A 208 4.74 -1.67 2.59
N ILE A 209 5.06 -2.59 1.68
CA ILE A 209 4.65 -2.53 0.29
C ILE A 209 4.77 -3.96 -0.28
N SER A 210 3.79 -4.36 -1.07
CA SER A 210 3.81 -5.66 -1.73
C SER A 210 2.89 -5.62 -2.93
N THR A 211 3.02 -6.61 -3.81
CA THR A 211 2.27 -6.61 -5.06
C THR A 211 1.57 -7.95 -5.27
N ALA A 212 0.34 -7.91 -5.78
CA ALA A 212 -0.39 -9.15 -6.06
C ALA A 212 -1.32 -8.95 -7.25
N ARG A 213 -1.61 -10.06 -7.94
CA ARG A 213 -2.70 -10.09 -8.92
C ARG A 213 -4.00 -10.37 -8.17
N TRP A 214 -4.87 -9.38 -8.14
CA TRP A 214 -6.15 -9.45 -7.45
C TRP A 214 -7.24 -9.80 -8.42
N GLY A 215 -8.23 -10.55 -7.96
CA GLY A 215 -9.37 -10.93 -8.81
C GLY A 215 -10.65 -10.75 -8.04
N GLY A 216 -11.69 -10.24 -8.71
CA GLY A 216 -12.97 -10.01 -8.06
C GLY A 216 -13.94 -9.26 -8.93
N ALA A 217 -15.02 -8.79 -8.32
CA ALA A 217 -16.01 -7.98 -9.02
C ALA A 217 -15.50 -6.56 -9.11
N ARG A 218 -15.82 -5.86 -10.19
CA ARG A 218 -15.54 -4.43 -10.23
C ARG A 218 -16.51 -3.75 -9.27
N LEU A 219 -15.99 -2.85 -8.45
CA LEU A 219 -16.86 -2.05 -7.58
C LEU A 219 -17.87 -1.29 -8.43
N ARG A 220 -17.40 -0.78 -9.56
CA ARG A 220 -18.27 -0.12 -10.54
C ARG A 220 -19.52 -0.97 -10.84
N ASP A 221 -19.33 -2.25 -11.16
CA ASP A 221 -20.46 -3.11 -11.55
C ASP A 221 -21.41 -3.38 -10.38
N VAL A 222 -20.84 -3.51 -9.18
CA VAL A 222 -21.65 -3.77 -8.00
C VAL A 222 -22.57 -2.57 -7.71
N LEU A 223 -22.02 -1.36 -7.81
CA LEU A 223 -22.81 -0.13 -7.60
C LEU A 223 -23.85 0.13 -8.70
N LEU A 224 -23.50 -0.13 -9.95
CA LEU A 224 -24.48 -0.02 -11.04
C LEU A 224 -25.60 -1.05 -10.86
N HIS A 225 -25.24 -2.24 -10.36
CA HIS A 225 -26.25 -3.26 -10.07
C HIS A 225 -27.16 -2.83 -8.92
N ALA A 226 -26.57 -2.18 -7.91
CA ALA A 226 -27.35 -1.58 -6.82
C ALA A 226 -28.29 -0.48 -7.32
N GLY A 227 -28.03 0.05 -8.53
CA GLY A 227 -28.94 1.03 -9.16
C GLY A 227 -28.40 2.45 -9.29
N PHE A 228 -27.17 2.66 -8.84
CA PHE A 228 -26.53 3.99 -8.91
C PHE A 228 -26.23 4.38 -10.35
N PRO A 229 -26.22 5.69 -10.64
CA PRO A 229 -25.89 6.11 -11.99
C PRO A 229 -24.37 6.21 -12.19
N GLU A 230 -23.95 6.31 -13.45
CA GLU A 230 -22.54 6.54 -13.80
C GLU A 230 -21.98 7.74 -13.06
N GLU A 231 -22.82 8.74 -12.88
CA GLU A 231 -22.37 10.02 -12.38
C GLU A 231 -23.39 10.62 -11.44
N LEU A 232 -22.92 10.99 -10.25
CA LEU A 232 -23.71 11.78 -9.32
C LEU A 232 -23.21 13.21 -9.34
N GLN A 233 -24.11 14.16 -9.17
CA GLN A 233 -23.74 15.57 -9.14
C GLN A 233 -23.09 15.94 -7.81
N GLY A 234 -22.03 16.73 -7.86
CA GLY A 234 -21.33 17.16 -6.65
C GLY A 234 -20.27 16.14 -6.24
N GLU A 235 -19.76 16.27 -5.02
CA GLU A 235 -18.67 15.43 -4.55
C GLU A 235 -19.20 14.34 -3.63
N TRP A 236 -19.30 13.12 -4.15
CA TRP A 236 -19.81 12.00 -3.40
C TRP A 236 -18.69 11.03 -3.07
N HIS A 237 -18.94 10.16 -2.10
CA HIS A 237 -17.94 9.21 -1.63
C HIS A 237 -18.56 7.84 -1.48
N VAL A 238 -17.75 6.82 -1.64
CA VAL A 238 -18.15 5.46 -1.37
C VAL A 238 -17.42 5.03 -0.09
N CYS A 239 -18.20 4.75 0.96
CA CYS A 239 -17.64 4.39 2.26
C CYS A 239 -17.68 2.89 2.47
N PHE A 240 -16.61 2.38 3.06
CA PHE A 240 -16.47 0.95 3.31
C PHE A 240 -16.32 0.72 4.79
N GLU A 241 -16.94 -0.35 5.29
CA GLU A 241 -16.73 -0.80 6.66
C GLU A 241 -16.25 -2.23 6.68
N GLY A 242 -15.28 -2.52 7.53
CA GLY A 242 -14.79 -3.87 7.74
C GLY A 242 -15.57 -4.60 8.83
N LEU A 243 -15.44 -5.92 8.86
CA LEU A 243 -16.01 -6.73 9.95
C LEU A 243 -15.22 -6.62 11.26
N ASP A 244 -13.97 -6.14 11.19
CA ASP A 244 -13.17 -5.93 12.40
C ASP A 244 -13.61 -4.67 13.13
N ALA A 245 -13.80 -4.77 14.44
CA ALA A 245 -14.24 -3.63 15.25
C ALA A 245 -13.43 -3.52 16.54
N ASP A 246 -13.32 -2.31 17.07
CA ASP A 246 -12.63 -2.10 18.35
C ASP A 246 -13.53 -2.58 19.51
N PRO A 247 -12.99 -2.57 20.76
CA PRO A 247 -13.81 -2.93 21.92
C PRO A 247 -15.19 -2.25 21.95
N GLY A 248 -15.24 -0.97 21.58
CA GLY A 248 -16.48 -0.20 21.58
C GLY A 248 -17.45 -0.49 20.44
N GLY A 249 -16.99 -1.22 19.42
CA GLY A 249 -17.86 -1.61 18.31
C GLY A 249 -17.69 -0.82 17.02
N ALA A 250 -16.81 0.18 17.03
CA ALA A 250 -16.54 0.98 15.84
C ALA A 250 -15.71 0.16 14.85
N PRO A 251 -16.26 -0.06 13.64
CA PRO A 251 -15.59 -0.90 12.65
C PRO A 251 -14.47 -0.12 11.96
N TYR A 252 -13.45 -0.82 11.44
CA TYR A 252 -12.51 -0.16 10.56
C TYR A 252 -13.26 0.38 9.36
N GLY A 253 -13.00 1.64 9.00
CA GLY A 253 -13.68 2.26 7.89
C GLY A 253 -12.79 3.21 7.11
N ALA A 254 -13.10 3.37 5.83
CA ALA A 254 -12.38 4.28 4.95
C ALA A 254 -13.29 4.55 3.75
N SER A 255 -12.93 5.57 2.95
CA SER A 255 -13.70 5.89 1.75
C SER A 255 -12.83 6.33 0.58
N ILE A 256 -13.42 6.27 -0.61
CA ILE A 256 -12.82 6.87 -1.80
C ILE A 256 -13.87 7.72 -2.51
N PRO A 257 -13.42 8.69 -3.32
CA PRO A 257 -14.35 9.46 -4.13
C PRO A 257 -15.20 8.55 -5.04
N TYR A 258 -16.45 8.93 -5.19
CA TYR A 258 -17.40 8.23 -6.03
C TYR A 258 -16.91 8.06 -7.48
N GLY A 259 -16.31 9.11 -8.05
CA GLY A 259 -15.81 9.06 -9.43
C GLY A 259 -14.79 7.95 -9.64
N ARG A 260 -13.93 7.70 -8.65
CA ARG A 260 -12.95 6.60 -8.75
C ARG A 260 -13.64 5.23 -8.67
N ALA A 261 -14.62 5.11 -7.78
CA ALA A 261 -15.41 3.88 -7.62
C ALA A 261 -16.13 3.47 -8.91
N LEU A 262 -16.66 4.45 -9.66
CA LEU A 262 -17.43 4.17 -10.88
C LEU A 262 -16.63 4.09 -12.18
N SER A 263 -15.38 4.56 -12.14
CA SER A 263 -14.56 4.65 -13.33
C SER A 263 -14.06 3.27 -13.77
N PRO A 264 -14.35 2.89 -15.03
CA PRO A 264 -13.86 1.60 -15.57
C PRO A 264 -12.35 1.50 -15.49
N ALA A 265 -11.67 2.59 -15.87
CA ALA A 265 -10.21 2.67 -15.91
C ALA A 265 -9.53 2.57 -14.53
N ALA A 266 -10.22 2.99 -13.48
CA ALA A 266 -9.64 3.03 -12.13
C ALA A 266 -9.46 1.64 -11.50
N ASP A 267 -10.14 0.63 -12.06
CA ASP A 267 -9.93 -0.77 -11.69
C ASP A 267 -10.19 -1.11 -10.21
N VAL A 268 -11.12 -0.41 -9.57
CA VAL A 268 -11.39 -0.70 -8.16
C VAL A 268 -12.11 -2.03 -8.09
N LEU A 269 -11.59 -2.92 -7.25
CA LEU A 269 -12.15 -4.26 -7.13
C LEU A 269 -12.74 -4.54 -5.78
N LEU A 270 -13.77 -5.37 -5.77
CA LEU A 270 -14.14 -6.13 -4.58
C LEU A 270 -13.53 -7.51 -4.80
N ALA A 271 -12.34 -7.69 -4.25
CA ALA A 271 -11.49 -8.83 -4.55
C ALA A 271 -11.79 -9.99 -3.62
N TYR A 272 -11.96 -11.18 -4.20
CA TYR A 272 -12.08 -12.43 -3.42
C TYR A 272 -10.94 -13.40 -3.75
N GLU A 273 -10.05 -12.98 -4.65
CA GLU A 273 -8.88 -13.79 -5.03
C GLU A 273 -7.61 -12.97 -5.00
N MET A 274 -6.52 -13.61 -4.59
CA MET A 274 -5.21 -12.98 -4.45
C MET A 274 -4.13 -13.94 -4.95
N ASN A 275 -3.41 -13.53 -5.99
CA ASN A 275 -2.42 -14.37 -6.66
C ASN A 275 -2.96 -15.77 -7.00
N GLY A 276 -4.19 -15.81 -7.51
CA GLY A 276 -4.79 -17.05 -8.01
C GLY A 276 -5.43 -17.95 -6.96
N THR A 277 -5.34 -17.57 -5.70
CA THR A 277 -6.00 -18.35 -4.64
C THR A 277 -6.99 -17.45 -3.90
N GLU A 278 -7.84 -18.05 -3.07
CA GLU A 278 -8.80 -17.24 -2.31
C GLU A 278 -8.06 -16.35 -1.30
N LEU A 279 -8.68 -15.23 -0.95
CA LEU A 279 -8.08 -14.28 -0.02
C LEU A 279 -7.69 -14.96 1.29
N PRO A 280 -6.40 -14.88 1.68
CA PRO A 280 -6.05 -15.32 3.02
C PRO A 280 -6.77 -14.46 4.08
N ARG A 281 -6.98 -15.03 5.26
CA ARG A 281 -7.61 -14.33 6.37
C ARG A 281 -6.93 -12.98 6.71
N ASP A 282 -5.60 -12.99 6.80
CA ASP A 282 -4.83 -11.76 7.07
C ASP A 282 -5.01 -10.69 5.99
N HIS A 283 -5.42 -11.11 4.79
CA HIS A 283 -5.56 -10.18 3.69
C HIS A 283 -7.00 -9.90 3.30
N GLY A 284 -7.93 -10.29 4.18
CA GLY A 284 -9.31 -9.84 4.07
C GLY A 284 -10.40 -10.84 3.77
N PHE A 285 -10.09 -12.14 3.86
CA PHE A 285 -11.09 -13.20 3.58
C PHE A 285 -12.46 -12.90 4.18
N PRO A 286 -13.54 -13.04 3.38
CA PRO A 286 -13.56 -13.50 1.98
C PRO A 286 -13.50 -12.38 0.92
N VAL A 287 -13.64 -11.12 1.35
CA VAL A 287 -13.74 -9.98 0.40
C VAL A 287 -13.03 -8.74 0.94
N ARG A 288 -12.18 -8.15 0.12
CA ARG A 288 -11.60 -6.84 0.43
C ARG A 288 -11.83 -5.88 -0.74
N VAL A 289 -11.82 -4.58 -0.45
CA VAL A 289 -11.69 -3.61 -1.52
C VAL A 289 -10.20 -3.58 -1.90
N VAL A 290 -9.91 -3.49 -3.18
CA VAL A 290 -8.57 -3.12 -3.62
C VAL A 290 -8.71 -1.83 -4.42
N VAL A 291 -8.02 -0.77 -3.98
CA VAL A 291 -8.05 0.51 -4.67
C VAL A 291 -6.66 0.79 -5.26
N PRO A 292 -6.48 0.52 -6.57
CA PRO A 292 -5.17 0.66 -7.19
C PRO A 292 -4.73 2.13 -7.24
N GLY A 293 -3.42 2.36 -7.08
CA GLY A 293 -2.85 3.70 -7.14
C GLY A 293 -3.07 4.54 -5.88
N VAL A 294 -3.69 3.92 -4.88
CA VAL A 294 -4.15 4.64 -3.68
C VAL A 294 -3.55 3.97 -2.43
N VAL A 295 -3.29 4.76 -1.38
CA VAL A 295 -2.72 4.23 -0.12
C VAL A 295 -3.47 3.00 0.39
N GLY A 296 -2.73 2.08 1.01
CA GLY A 296 -3.31 0.80 1.49
C GLY A 296 -4.52 0.96 2.40
N ALA A 297 -4.52 1.98 3.24
CA ALA A 297 -5.63 2.30 4.16
C ALA A 297 -7.05 2.24 3.58
N ARG A 298 -7.19 2.54 2.29
CA ARG A 298 -8.52 2.62 1.66
C ARG A 298 -8.97 1.25 1.15
N SER A 299 -8.02 0.32 1.00
CA SER A 299 -8.35 -1.04 0.57
C SER A 299 -8.90 -1.87 1.73
N VAL A 300 -10.14 -1.58 2.10
CA VAL A 300 -10.74 -2.16 3.29
C VAL A 300 -10.89 -3.69 3.22
N LYS A 301 -10.32 -4.37 4.21
CA LYS A 301 -10.38 -5.83 4.29
C LYS A 301 -11.63 -6.30 5.04
N TRP A 302 -12.00 -7.57 4.84
CA TRP A 302 -13.14 -8.19 5.53
C TRP A 302 -14.40 -7.34 5.36
N LEU A 303 -14.66 -6.95 4.11
CA LEU A 303 -15.69 -5.97 3.79
C LEU A 303 -17.09 -6.42 4.21
N ARG A 304 -17.74 -5.61 5.04
CA ARG A 304 -19.11 -5.92 5.42
C ARG A 304 -20.13 -4.97 4.79
N ARG A 305 -19.73 -3.74 4.53
CA ARG A 305 -20.68 -2.74 4.02
C ARG A 305 -20.05 -1.75 3.05
N VAL A 306 -20.81 -1.45 1.99
CA VAL A 306 -20.49 -0.43 1.01
C VAL A 306 -21.65 0.58 1.01
N ALA A 307 -21.36 1.85 1.28
CA ALA A 307 -22.40 2.89 1.33
C ALA A 307 -21.95 4.14 0.57
N VAL A 308 -22.83 4.66 -0.28
CA VAL A 308 -22.58 5.89 -1.02
C VAL A 308 -23.03 7.07 -0.15
N SER A 309 -22.19 8.08 -0.01
CA SER A 309 -22.42 9.18 0.93
C SER A 309 -21.94 10.52 0.36
N PRO A 310 -22.65 11.63 0.70
CA PRO A 310 -22.13 12.94 0.29
C PRO A 310 -20.86 13.32 1.04
N ASP A 311 -20.51 12.55 2.08
CA ASP A 311 -19.32 12.84 2.88
C ASP A 311 -18.34 11.67 2.89
N GLU A 312 -17.07 12.02 3.05
CA GLU A 312 -16.00 11.09 3.43
C GLU A 312 -16.42 10.17 4.57
N SER A 313 -15.77 9.01 4.67
CA SER A 313 -15.95 8.13 5.82
C SER A 313 -15.74 8.90 7.11
N PRO A 314 -16.72 8.78 8.05
CA PRO A 314 -16.58 9.52 9.30
C PRO A 314 -15.67 8.79 10.28
N SER A 315 -15.16 7.62 9.90
CA SER A 315 -14.37 6.80 10.83
C SER A 315 -13.12 7.56 11.26
N HIS A 316 -12.68 7.31 12.50
CA HIS A 316 -11.52 8.02 13.01
C HIS A 316 -10.24 7.68 12.24
N TRP A 317 -10.21 6.52 11.58
CA TRP A 317 -9.04 6.19 10.73
C TRP A 317 -8.98 7.01 9.46
N GLN A 318 -10.14 7.39 8.93
CA GLN A 318 -10.21 8.31 7.79
C GLN A 318 -10.00 9.76 8.25
N GLN A 319 -10.50 10.10 9.43
CA GLN A 319 -10.49 11.49 9.90
C GLN A 319 -9.20 11.91 10.63
N ASN A 320 -8.67 11.01 11.46
CA ASN A 320 -7.63 11.37 12.44
C ASN A 320 -6.33 10.59 12.24
N ASP A 321 -6.08 10.17 11.01
CA ASP A 321 -4.95 9.32 10.68
C ASP A 321 -4.66 9.43 9.19
N ASN A 322 -3.50 8.90 8.78
CA ASN A 322 -3.13 8.85 7.37
C ASN A 322 -3.37 10.18 6.65
N LYS A 323 -2.76 11.22 7.22
CA LYS A 323 -2.78 12.58 6.72
C LYS A 323 -1.37 13.14 6.91
N GLY A 324 -0.94 14.00 5.98
CA GLY A 324 0.43 14.53 6.01
C GLY A 324 0.44 15.97 6.47
N PHE A 325 1.27 16.27 7.47
CA PHE A 325 1.35 17.63 8.00
C PHE A 325 2.73 18.22 7.80
N SER A 326 2.83 19.54 8.01
CA SER A 326 4.08 20.27 7.93
C SER A 326 5.07 19.79 9.01
N PRO A 327 6.39 19.91 8.73
CA PRO A 327 7.38 19.50 9.75
C PRO A 327 7.30 20.31 11.06
N CYS A 328 6.70 21.49 11.03
CA CYS A 328 6.56 22.34 12.24
C CYS A 328 5.46 21.85 13.19
N VAL A 329 4.55 21.02 12.68
CA VAL A 329 3.38 20.61 13.45
C VAL A 329 3.69 19.53 14.51
N ASP A 330 3.19 19.74 15.72
CA ASP A 330 3.37 18.83 16.85
C ASP A 330 1.99 18.49 17.44
N TRP A 331 1.96 17.62 18.45
CA TRP A 331 0.70 17.14 19.02
C TRP A 331 -0.15 18.22 19.69
N ASP A 332 0.51 19.28 20.18
CA ASP A 332 -0.20 20.41 20.77
C ASP A 332 -0.92 21.29 19.73
N THR A 333 -0.54 21.18 18.45
CA THR A 333 -1.07 22.09 17.43
C THR A 333 -1.75 21.40 16.24
N VAL A 334 -1.67 20.07 16.17
CA VAL A 334 -2.23 19.33 15.05
C VAL A 334 -3.76 19.56 14.94
N ASP A 335 -4.20 19.83 13.71
CA ASP A 335 -5.62 20.03 13.39
C ASP A 335 -5.92 19.22 12.14
N TYR A 336 -6.60 18.09 12.31
CA TYR A 336 -6.82 17.12 11.24
C TYR A 336 -7.63 17.68 10.06
N ARG A 337 -8.34 18.77 10.29
CA ARG A 337 -9.13 19.41 9.26
C ARG A 337 -8.28 20.17 8.23
N THR A 338 -7.00 20.40 8.55
CA THR A 338 -6.13 21.21 7.67
C THR A 338 -5.44 20.41 6.57
N ALA A 339 -5.53 19.07 6.62
CA ALA A 339 -4.89 18.21 5.62
C ALA A 339 -5.85 17.18 5.04
N PRO A 340 -5.76 16.92 3.72
CA PRO A 340 -6.62 15.92 3.10
C PRO A 340 -6.21 14.50 3.49
N ALA A 341 -7.20 13.63 3.67
CA ALA A 341 -6.95 12.20 3.75
C ALA A 341 -6.07 11.78 2.56
N ILE A 342 -5.02 10.99 2.83
CA ILE A 342 -4.16 10.50 1.75
C ILE A 342 -5.01 9.60 0.89
N GLN A 343 -4.98 9.85 -0.42
CA GLN A 343 -5.57 8.93 -1.39
C GLN A 343 -4.42 8.40 -2.25
N GLU A 344 -4.13 9.06 -3.37
CA GLU A 344 -2.95 8.75 -4.16
C GLU A 344 -1.66 9.04 -3.38
N LEU A 345 -0.65 8.20 -3.61
CA LEU A 345 0.64 8.35 -2.97
C LEU A 345 1.67 8.94 -3.94
N PRO A 346 2.67 9.66 -3.41
CA PRO A 346 3.73 10.18 -4.28
C PRO A 346 4.74 9.10 -4.67
N VAL A 347 5.65 9.46 -5.59
CA VAL A 347 6.66 8.56 -6.13
C VAL A 347 7.60 8.06 -5.02
N GLN A 348 7.96 6.79 -5.09
CA GLN A 348 8.65 6.07 -4.02
C GLN A 348 9.62 5.05 -4.63
N SER A 349 10.73 4.78 -3.94
CA SER A 349 11.69 3.73 -4.31
C SER A 349 12.58 3.37 -3.13
N ALA A 350 13.07 2.15 -3.11
CA ALA A 350 14.03 1.71 -2.10
C ALA A 350 14.99 0.69 -2.68
N VAL A 351 16.17 0.61 -2.07
CA VAL A 351 17.20 -0.39 -2.39
C VAL A 351 16.95 -1.62 -1.52
N THR A 352 16.81 -2.77 -2.15
CA THR A 352 16.58 -4.01 -1.41
C THR A 352 17.83 -4.88 -1.39
N GLN A 353 18.75 -4.62 -2.32
CA GLN A 353 20.00 -5.37 -2.41
C GLN A 353 21.15 -4.47 -2.85
N PRO A 354 22.26 -4.44 -2.08
CA PRO A 354 22.50 -5.15 -0.81
C PRO A 354 21.82 -4.44 0.37
N ARG A 355 21.99 -5.01 1.56
CA ARG A 355 21.45 -4.50 2.82
C ARG A 355 22.46 -3.58 3.52
N PRO A 356 21.98 -2.60 4.31
CA PRO A 356 22.87 -1.72 5.08
C PRO A 356 23.90 -2.48 5.91
N GLY A 357 25.17 -2.06 5.82
CA GLY A 357 26.23 -2.62 6.65
C GLY A 357 26.93 -3.82 6.06
N ALA A 358 26.41 -4.32 4.93
CA ALA A 358 26.97 -5.50 4.29
C ALA A 358 28.39 -5.27 3.79
N ALA A 359 29.15 -6.35 3.67
CA ALA A 359 30.45 -6.33 3.03
C ALA A 359 30.30 -7.07 1.71
N VAL A 360 30.60 -6.39 0.61
CA VAL A 360 30.41 -7.01 -0.71
C VAL A 360 31.77 -7.34 -1.36
N PRO A 361 31.82 -8.42 -2.16
CA PRO A 361 33.08 -8.77 -2.83
C PRO A 361 33.41 -7.76 -3.94
N PRO A 362 34.71 -7.55 -4.21
CA PRO A 362 35.14 -6.66 -5.29
C PRO A 362 34.77 -7.20 -6.68
N GLY A 363 34.95 -6.37 -7.71
CA GLY A 363 34.58 -6.73 -9.08
C GLY A 363 33.25 -6.12 -9.46
N GLU A 364 32.18 -6.93 -9.40
CA GLU A 364 30.86 -6.46 -9.77
C GLU A 364 29.80 -6.65 -8.69
N LEU A 365 28.93 -5.65 -8.55
CA LEU A 365 27.83 -5.71 -7.61
C LEU A 365 26.52 -5.39 -8.32
N THR A 366 25.52 -6.24 -8.13
CA THR A 366 24.20 -5.99 -8.66
C THR A 366 23.30 -5.36 -7.61
N VAL A 367 23.04 -4.07 -7.78
CA VAL A 367 22.12 -3.33 -6.93
C VAL A 367 20.70 -3.55 -7.44
N LYS A 368 19.76 -3.86 -6.55
CA LYS A 368 18.36 -4.10 -6.90
C LYS A 368 17.43 -3.35 -5.96
N GLY A 369 16.21 -3.08 -6.43
CA GLY A 369 15.16 -2.55 -5.58
C GLY A 369 13.82 -2.44 -6.29
N TYR A 370 12.93 -1.67 -5.68
CA TYR A 370 11.61 -1.41 -6.25
C TYR A 370 11.42 0.09 -6.44
N ALA A 371 10.48 0.45 -7.29
CA ALA A 371 10.03 1.83 -7.45
C ALA A 371 8.55 1.79 -7.78
N TRP A 372 7.80 2.80 -7.33
CA TRP A 372 6.37 2.85 -7.57
C TRP A 372 5.86 4.27 -7.41
N SER A 373 4.73 4.57 -8.03
CA SER A 373 4.09 5.85 -7.82
C SER A 373 2.58 5.67 -7.84
N GLY A 374 1.87 6.55 -7.14
CA GLY A 374 0.41 6.42 -7.03
C GLY A 374 -0.32 6.97 -8.24
N GLY A 375 -1.64 6.87 -8.23
CA GLY A 375 -2.47 7.44 -9.28
C GLY A 375 -2.30 6.83 -10.65
N GLY A 376 -1.78 5.60 -10.72
CA GLY A 376 -1.55 4.94 -12.00
C GLY A 376 -0.43 5.56 -12.82
N ARG A 377 0.40 6.37 -12.16
CA ARG A 377 1.56 6.98 -12.80
C ARG A 377 2.75 6.02 -12.84
N GLU A 378 3.20 5.73 -14.06
CA GLU A 378 4.28 4.80 -14.28
C GLU A 378 5.63 5.35 -13.80
N VAL A 379 6.49 4.46 -13.31
CA VAL A 379 7.90 4.81 -13.09
C VAL A 379 8.63 4.87 -14.44
N VAL A 380 9.17 6.03 -14.79
CA VAL A 380 9.80 6.18 -16.10
C VAL A 380 11.34 6.14 -16.06
N ARG A 381 11.90 6.28 -14.86
CA ARG A 381 13.35 6.19 -14.67
C ARG A 381 13.67 5.97 -13.20
N VAL A 382 14.75 5.24 -12.94
CA VAL A 382 15.32 5.14 -11.60
C VAL A 382 16.81 5.45 -11.73
N ASP A 383 17.25 6.44 -10.96
CA ASP A 383 18.65 6.85 -10.90
C ASP A 383 19.29 6.20 -9.70
N VAL A 384 20.52 5.68 -9.87
CA VAL A 384 21.24 5.02 -8.79
C VAL A 384 22.65 5.61 -8.65
N SER A 385 23.02 5.90 -7.40
CA SER A 385 24.31 6.48 -7.05
C SER A 385 25.03 5.57 -6.09
N LEU A 386 26.37 5.61 -6.12
CA LEU A 386 27.21 4.85 -5.20
C LEU A 386 28.04 5.76 -4.31
N ASP A 387 27.92 7.07 -4.53
CA ASP A 387 28.78 8.04 -3.85
C ASP A 387 27.95 9.07 -3.08
N GLY A 388 26.81 8.62 -2.54
CA GLY A 388 25.97 9.45 -1.69
C GLY A 388 25.09 10.44 -2.43
N GLY A 389 24.93 10.23 -3.73
CA GLY A 389 24.06 11.08 -4.53
C GLY A 389 24.75 12.22 -5.25
N ARG A 390 26.06 12.10 -5.41
CA ARG A 390 26.84 13.08 -6.16
C ARG A 390 26.78 12.79 -7.66
N THR A 391 27.03 11.52 -8.02
CA THR A 391 26.92 11.08 -9.41
C THR A 391 25.89 9.96 -9.52
N TRP A 392 25.27 9.83 -10.69
CA TRP A 392 24.16 8.90 -10.89
C TRP A 392 24.31 8.07 -12.15
N LYS A 393 23.73 6.89 -12.15
CA LYS A 393 23.60 6.04 -13.33
C LYS A 393 22.14 5.61 -13.45
N VAL A 394 21.70 5.27 -14.66
CA VAL A 394 20.29 4.88 -14.90
C VAL A 394 20.12 3.37 -14.75
N ALA A 395 19.22 2.95 -13.87
CA ALA A 395 18.99 1.52 -13.63
C ALA A 395 18.14 0.88 -14.74
N ARG A 396 18.20 -0.44 -14.83
CA ARG A 396 17.31 -1.18 -15.71
C ARG A 396 15.96 -1.42 -15.03
N LEU A 397 14.88 -1.14 -15.75
CA LEU A 397 13.52 -1.34 -15.22
C LEU A 397 12.89 -2.64 -15.71
N MET A 398 12.33 -3.41 -14.78
CA MET A 398 11.56 -4.61 -15.10
C MET A 398 10.10 -4.37 -14.70
N GLY A 399 9.17 -4.73 -15.57
CA GLY A 399 7.74 -4.61 -15.23
C GLY A 399 6.72 -4.93 -16.30
N ASP A 400 5.45 -4.77 -15.94
CA ASP A 400 4.35 -4.83 -16.91
C ASP A 400 4.28 -3.44 -17.54
N LYS A 401 4.26 -3.37 -18.86
CA LYS A 401 3.96 -2.07 -19.45
C LYS A 401 2.45 -1.97 -19.50
N ALA A 402 1.92 -1.09 -18.66
CA ALA A 402 0.49 -0.94 -18.47
C ALA A 402 0.01 0.20 -19.37
N PRO A 403 -1.32 0.29 -19.60
CA PRO A 403 -1.85 1.46 -20.30
C PRO A 403 -1.57 2.75 -19.51
N PRO A 404 -1.48 3.89 -20.20
CA PRO A 404 -1.21 5.18 -19.54
C PRO A 404 -2.23 5.48 -18.46
N GLY A 405 -1.76 5.96 -17.31
CA GLY A 405 -2.64 6.24 -16.19
C GLY A 405 -3.11 5.01 -15.42
N ARG A 406 -2.62 3.82 -15.80
CA ARG A 406 -3.07 2.59 -15.14
C ARG A 406 -1.89 1.71 -14.69
N ALA A 407 -0.77 2.35 -14.41
CA ALA A 407 0.39 1.63 -13.90
C ALA A 407 0.24 1.44 -12.40
N TRP A 408 -0.55 0.44 -12.01
CA TRP A 408 -0.84 0.15 -10.61
C TRP A 408 0.25 -0.66 -9.90
N ALA A 409 1.08 -1.36 -10.68
CA ALA A 409 2.11 -2.23 -10.12
C ALA A 409 3.47 -1.54 -10.10
N TRP A 410 4.30 -1.92 -9.13
CA TRP A 410 5.65 -1.37 -9.02
C TRP A 410 6.53 -1.75 -10.21
N ALA A 411 7.63 -1.02 -10.39
CA ALA A 411 8.71 -1.46 -11.26
C ALA A 411 9.84 -1.99 -10.39
N LEU A 412 10.32 -3.19 -10.71
CA LEU A 412 11.53 -3.67 -10.07
C LEU A 412 12.70 -3.21 -10.93
N TRP A 413 13.81 -2.89 -10.29
CA TRP A 413 14.95 -2.33 -11.00
C TRP A 413 16.25 -2.97 -10.54
N GLU A 414 17.24 -2.99 -11.45
CA GLU A 414 18.58 -3.44 -11.11
C GLU A 414 19.64 -2.71 -11.91
N LEU A 415 20.83 -2.64 -11.35
CA LEU A 415 21.99 -2.05 -12.01
C LEU A 415 23.27 -2.75 -11.54
N THR A 416 24.03 -3.26 -12.50
CA THR A 416 25.33 -3.88 -12.21
C THR A 416 26.45 -2.85 -12.42
N VAL A 417 27.26 -2.67 -11.37
CA VAL A 417 28.34 -1.68 -11.37
C VAL A 417 29.68 -2.32 -10.98
N PRO A 418 30.81 -1.72 -11.44
CA PRO A 418 32.11 -2.15 -10.94
C PRO A 418 32.38 -1.58 -9.54
N VAL A 419 32.90 -2.42 -8.65
CA VAL A 419 33.25 -2.00 -7.29
C VAL A 419 34.68 -2.41 -6.94
N GLU A 420 35.44 -1.50 -6.33
CA GLU A 420 36.85 -1.74 -6.04
C GLU A 420 37.08 -2.07 -4.56
N ALA A 421 37.91 -3.08 -4.35
CA ALA A 421 38.27 -3.57 -3.01
C ALA A 421 38.78 -2.47 -2.07
N GLY A 422 38.25 -2.46 -0.85
CA GLY A 422 38.68 -1.52 0.16
C GLY A 422 38.04 -0.14 0.09
N THR A 423 36.96 -0.01 -0.68
CA THR A 423 36.24 1.26 -0.76
C THR A 423 34.94 1.23 0.04
N GLU A 424 34.42 2.42 0.37
CA GLU A 424 33.11 2.56 1.03
C GLU A 424 32.13 3.17 0.04
N LEU A 425 30.92 2.62 -0.01
CA LEU A 425 29.88 3.12 -0.90
C LEU A 425 28.65 3.53 -0.12
N GLU A 426 28.03 4.63 -0.54
CA GLU A 426 26.69 4.96 -0.09
C GLU A 426 25.74 4.87 -1.28
N ILE A 427 25.00 3.77 -1.34
CA ILE A 427 24.13 3.48 -2.46
C ILE A 427 22.80 4.21 -2.28
N VAL A 428 22.41 4.98 -3.29
CA VAL A 428 21.20 5.81 -3.24
C VAL A 428 20.36 5.53 -4.49
N CYS A 429 19.05 5.47 -4.32
CA CYS A 429 18.16 5.39 -5.48
C CYS A 429 17.08 6.47 -5.40
N LYS A 430 16.68 6.97 -6.55
CA LYS A 430 15.55 7.90 -6.64
C LYS A 430 14.80 7.65 -7.93
N ALA A 431 13.47 7.77 -7.87
CA ALA A 431 12.63 7.44 -9.01
C ALA A 431 11.88 8.65 -9.53
N VAL A 432 11.49 8.56 -10.81
CA VAL A 432 10.79 9.60 -11.53
C VAL A 432 9.54 8.98 -12.14
N ASP A 433 8.37 9.60 -11.97
CA ASP A 433 7.15 9.03 -12.55
C ASP A 433 6.69 9.69 -13.86
N SER A 434 5.55 9.26 -14.40
CA SER A 434 5.09 9.75 -15.72
C SER A 434 4.62 11.21 -15.73
N SER A 435 4.40 11.79 -14.54
CA SER A 435 4.18 13.22 -14.48
C SER A 435 5.48 13.96 -14.14
N TYR A 436 6.60 13.25 -14.25
CA TYR A 436 7.92 13.74 -13.83
C TYR A 436 8.00 14.23 -12.37
N ASN A 437 7.18 13.65 -11.49
CA ASN A 437 7.42 13.82 -10.06
C ASN A 437 8.67 13.10 -9.64
N VAL A 438 9.34 13.64 -8.63
CA VAL A 438 10.63 13.15 -8.17
C VAL A 438 10.61 13.01 -6.66
N GLN A 439 11.64 12.35 -6.11
CA GLN A 439 11.78 12.19 -4.67
C GLN A 439 12.72 13.26 -4.13
N PRO A 440 12.47 13.73 -2.88
CA PRO A 440 13.30 14.78 -2.32
C PRO A 440 14.59 14.23 -1.70
N ASP A 441 15.62 15.07 -1.60
CA ASP A 441 16.94 14.65 -1.12
C ASP A 441 16.93 14.06 0.28
N SER A 442 16.21 14.71 1.20
CA SER A 442 16.38 14.40 2.62
C SER A 442 15.05 14.30 3.37
N VAL A 443 15.10 13.65 4.52
CA VAL A 443 13.89 13.35 5.27
C VAL A 443 13.46 14.46 6.24
N ALA A 444 14.40 15.24 6.76
CA ALA A 444 14.04 16.32 7.70
C ALA A 444 12.94 17.28 7.21
N PRO A 445 13.05 17.83 5.98
CA PRO A 445 12.04 18.76 5.46
C PRO A 445 10.65 18.15 5.17
N ILE A 446 10.58 16.82 5.10
CA ILE A 446 9.30 16.13 4.98
C ILE A 446 8.88 15.42 6.28
N TRP A 447 9.62 15.67 7.37
CA TRP A 447 9.30 15.09 8.67
C TRP A 447 7.89 15.52 9.07
N ASN A 448 7.20 14.64 9.81
CA ASN A 448 5.88 14.94 10.34
C ASN A 448 5.63 14.05 11.55
N LEU A 449 4.77 14.51 12.45
CA LEU A 449 4.59 13.89 13.76
C LEU A 449 4.06 12.45 13.70
N MET A 450 3.39 12.11 12.60
CA MET A 450 2.84 10.75 12.45
C MET A 450 3.70 9.81 11.59
N GLY A 451 4.87 10.27 11.17
CA GLY A 451 5.82 9.46 10.39
C GLY A 451 5.31 9.01 9.02
N MET A 452 4.39 9.77 8.44
CA MET A 452 3.77 9.45 7.13
C MET A 452 4.63 9.88 5.97
N LEU A 453 4.37 9.29 4.80
CA LEU A 453 4.90 9.82 3.53
C LEU A 453 6.44 9.98 3.58
N SER A 454 7.11 8.86 3.88
CA SER A 454 8.55 8.82 3.93
C SER A 454 9.09 8.36 2.57
N THR A 455 9.42 9.35 1.72
CA THR A 455 9.85 9.10 0.34
C THR A 455 11.16 9.84 -0.06
N ALA A 456 11.90 10.32 0.92
CA ALA A 456 13.24 10.87 0.65
C ALA A 456 14.13 9.74 0.14
N TRP A 457 15.22 10.05 -0.55
CA TRP A 457 16.07 9.01 -1.14
C TRP A 457 16.47 7.97 -0.10
N HIS A 458 16.29 6.71 -0.46
CA HIS A 458 16.79 5.61 0.35
C HIS A 458 18.31 5.49 0.16
N ARG A 459 19.03 5.42 1.29
CA ARG A 459 20.50 5.36 1.32
C ARG A 459 20.98 4.11 2.05
N VAL A 460 21.86 3.36 1.40
CA VAL A 460 22.37 2.12 1.96
C VAL A 460 23.89 2.15 1.90
N ARG A 461 24.51 2.20 3.07
CA ARG A 461 25.96 2.24 3.18
C ARG A 461 26.49 0.82 3.37
N VAL A 462 27.42 0.44 2.48
CA VAL A 462 28.08 -0.86 2.53
C VAL A 462 29.58 -0.70 2.32
N SER A 463 30.34 -1.73 2.66
CA SER A 463 31.77 -1.75 2.36
C SER A 463 32.10 -2.78 1.28
N VAL A 464 33.19 -2.52 0.55
CA VAL A 464 33.70 -3.48 -0.41
C VAL A 464 34.95 -4.13 0.20
N GLN A 465 34.86 -5.43 0.46
CA GLN A 465 35.93 -6.17 1.11
C GLN A 465 37.14 -6.32 0.19
N ASP A 466 38.27 -6.76 0.76
CA ASP A 466 39.50 -6.94 0.01
C ASP A 466 39.59 -8.31 -0.67
#